data_4GKF
#
_entry.id   4GKF
#
_cell.length_a   53.944
_cell.length_b   53.944
_cell.length_c   235.987
_cell.angle_alpha   90.00
_cell.angle_beta   90.00
_cell.angle_gamma   90.00
#
_symmetry.space_group_name_H-M   'P 43 21 2'
#
loop_
_entity.id
_entity.type
_entity.pdbx_description
1 polymer 'CRISPR system Cmr subunit Cmr5'
2 water water
#
_entity_poly.entity_id   1
_entity_poly.type   'polypeptide(L)'
_entity_poly.pdbx_seq_one_letter_code
;MEVHMLSKDNKKSIRKTLEQRRGEYAYYVIKEVADLNDKQLEEKYASLVKKAPVMILSNGLLQTLAFLLAKAETSPEKAN
QILSRVNEYPPRFIEKLGNDKDEHLLLYLHIVYWLRENVDRNIDVKTLLSQDYSKVLWATKEAIALLNWMRRFAVAMLKE
EGKENEGSS
;
_entity_poly.pdbx_strand_id   A,B
#
# COMPACT_ATOMS: atom_id res chain seq x y z
N ARG A 15 -7.69 -30.08 -19.74
CA ARG A 15 -7.09 -28.83 -19.18
C ARG A 15 -6.22 -28.17 -20.23
N LYS A 16 -6.87 -27.53 -21.20
CA LYS A 16 -6.11 -26.86 -22.25
C LYS A 16 -6.63 -25.44 -22.48
N THR A 17 -7.89 -25.17 -22.17
CA THR A 17 -8.41 -23.81 -22.36
C THR A 17 -8.01 -22.92 -21.18
N LEU A 18 -8.05 -21.61 -21.38
CA LEU A 18 -7.68 -20.69 -20.31
C LEU A 18 -8.46 -21.00 -19.04
N GLU A 19 -9.77 -21.20 -19.17
CA GLU A 19 -10.60 -21.51 -18.01
C GLU A 19 -10.11 -22.74 -17.26
N GLN A 20 -9.86 -23.83 -17.97
CA GLN A 20 -9.43 -25.05 -17.33
C GLN A 20 -8.08 -24.87 -16.63
N ARG A 21 -7.19 -24.09 -17.23
CA ARG A 21 -5.88 -23.88 -16.65
C ARG A 21 -5.97 -22.96 -15.44
N ARG A 22 -6.99 -22.10 -15.40
CA ARG A 22 -7.20 -21.20 -14.27
C ARG A 22 -7.64 -22.06 -13.09
N GLY A 23 -8.55 -22.98 -13.36
CA GLY A 23 -9.06 -23.86 -12.32
C GLY A 23 -7.99 -24.77 -11.75
N GLU A 24 -7.20 -25.39 -12.62
CA GLU A 24 -6.14 -26.29 -12.20
C GLU A 24 -5.10 -25.57 -11.35
N TYR A 25 -4.70 -24.38 -11.81
CA TYR A 25 -3.73 -23.59 -11.08
C TYR A 25 -4.29 -23.15 -9.73
N ALA A 26 -5.56 -22.72 -9.74
CA ALA A 26 -6.16 -22.30 -8.49
C ALA A 26 -6.16 -23.47 -7.52
N TYR A 27 -6.50 -24.65 -8.05
CA TYR A 27 -6.52 -25.88 -7.26
C TYR A 27 -5.17 -26.16 -6.60
N TYR A 28 -4.09 -26.11 -7.37
CA TYR A 28 -2.78 -26.37 -6.80
C TYR A 28 -2.23 -25.37 -5.80
N VAL A 29 -2.45 -24.08 -6.01
CA VAL A 29 -1.92 -23.11 -5.03
C VAL A 29 -2.68 -23.22 -3.72
N ILE A 30 -3.97 -23.50 -3.81
CA ILE A 30 -4.82 -23.65 -2.63
C ILE A 30 -4.51 -24.97 -1.92
N LYS A 31 -4.14 -25.99 -2.69
CA LYS A 31 -3.82 -27.29 -2.12
C LYS A 31 -2.53 -27.14 -1.31
N GLU A 32 -1.59 -26.34 -1.82
CA GLU A 32 -0.33 -26.14 -1.14
C GLU A 32 -0.58 -25.57 0.26
N VAL A 33 -1.47 -24.59 0.37
CA VAL A 33 -1.78 -24.01 1.66
C VAL A 33 -2.33 -25.10 2.57
N ALA A 34 -3.22 -25.93 2.03
CA ALA A 34 -3.82 -27.03 2.79
C ALA A 34 -2.76 -28.04 3.24
N ASP A 35 -1.84 -28.36 2.35
CA ASP A 35 -0.78 -29.32 2.66
C ASP A 35 0.26 -28.84 3.66
N LEU A 36 0.29 -27.53 3.93
CA LEU A 36 1.26 -26.99 4.88
C LEU A 36 0.90 -27.40 6.29
N ASN A 37 -0.40 -27.60 6.53
CA ASN A 37 -0.90 -27.99 7.84
C ASN A 37 -0.61 -26.91 8.89
N ASP A 38 -0.74 -25.66 8.49
CA ASP A 38 -0.53 -24.51 9.36
C ASP A 38 -1.89 -23.82 9.47
N LYS A 39 -2.59 -24.11 10.55
CA LYS A 39 -3.92 -23.57 10.79
C LYS A 39 -4.04 -22.05 10.76
N GLN A 40 -3.04 -21.34 11.29
CA GLN A 40 -3.09 -19.89 11.31
C GLN A 40 -2.95 -19.32 9.90
N LEU A 41 -1.96 -19.83 9.16
CA LEU A 41 -1.72 -19.38 7.79
C LEU A 41 -2.90 -19.75 6.91
N GLU A 42 -3.52 -20.89 7.21
CA GLU A 42 -4.66 -21.36 6.44
C GLU A 42 -5.92 -20.54 6.69
N GLU A 43 -6.16 -20.17 7.95
CA GLU A 43 -7.34 -19.38 8.28
C GLU A 43 -7.22 -17.95 7.75
N LYS A 44 -6.08 -17.31 7.99
CA LYS A 44 -5.88 -15.96 7.51
C LYS A 44 -5.93 -15.88 5.99
N TYR A 45 -5.24 -16.80 5.33
CA TYR A 45 -5.22 -16.82 3.87
C TYR A 45 -6.63 -17.06 3.28
N ALA A 46 -7.35 -18.04 3.83
CA ALA A 46 -8.69 -18.33 3.33
C ALA A 46 -9.57 -17.08 3.42
N SER A 47 -9.47 -16.38 4.54
CA SER A 47 -10.25 -15.17 4.74
C SER A 47 -9.87 -14.07 3.73
N LEU A 48 -8.57 -13.87 3.52
CA LEU A 48 -8.11 -12.87 2.58
C LEU A 48 -8.49 -13.18 1.13
N VAL A 49 -8.26 -14.41 0.67
CA VAL A 49 -8.57 -14.76 -0.70
C VAL A 49 -10.05 -14.62 -1.03
N LYS A 50 -10.90 -14.79 -0.03
CA LYS A 50 -12.34 -14.65 -0.21
C LYS A 50 -12.75 -13.20 -0.40
N LYS A 51 -11.88 -12.27 -0.01
CA LYS A 51 -12.19 -10.85 -0.16
C LYS A 51 -11.50 -10.28 -1.38
N ALA A 52 -10.39 -10.90 -1.79
CA ALA A 52 -9.63 -10.43 -2.93
C ALA A 52 -10.45 -9.99 -4.14
N PRO A 53 -11.30 -10.85 -4.69
CA PRO A 53 -12.08 -10.43 -5.86
C PRO A 53 -12.93 -9.16 -5.63
N VAL A 54 -13.49 -9.00 -4.44
CA VAL A 54 -14.28 -7.81 -4.18
C VAL A 54 -13.36 -6.59 -3.99
N MET A 55 -12.15 -6.83 -3.49
CA MET A 55 -11.20 -5.75 -3.28
C MET A 55 -10.78 -5.16 -4.64
N ILE A 56 -10.59 -6.03 -5.62
CA ILE A 56 -10.19 -5.57 -6.95
C ILE A 56 -11.33 -4.89 -7.70
N LEU A 57 -12.54 -5.42 -7.54
CA LEU A 57 -13.72 -4.86 -8.21
C LEU A 57 -14.00 -3.44 -7.72
N SER A 58 -13.94 -3.25 -6.40
CA SER A 58 -14.22 -1.94 -5.84
C SER A 58 -13.04 -0.97 -5.82
N ASN A 59 -11.84 -1.47 -5.60
CA ASN A 59 -10.66 -0.61 -5.54
C ASN A 59 -9.70 -0.68 -6.72
N GLY A 60 -9.82 -1.74 -7.52
CA GLY A 60 -8.93 -1.87 -8.67
C GLY A 60 -7.76 -2.79 -8.36
N LEU A 61 -7.04 -3.22 -9.40
CA LEU A 61 -5.92 -4.14 -9.25
C LEU A 61 -4.67 -3.52 -8.61
N LEU A 62 -4.23 -2.39 -9.15
CA LEU A 62 -3.05 -1.71 -8.64
C LEU A 62 -3.10 -1.46 -7.13
N GLN A 63 -4.20 -0.90 -6.66
CA GLN A 63 -4.33 -0.63 -5.23
C GLN A 63 -4.34 -1.92 -4.39
N THR A 64 -5.03 -2.95 -4.87
CA THR A 64 -5.10 -4.22 -4.15
C THR A 64 -3.70 -4.86 -4.02
N LEU A 65 -2.96 -4.93 -5.13
CA LEU A 65 -1.63 -5.51 -5.11
C LEU A 65 -0.68 -4.65 -4.26
N ALA A 66 -0.81 -3.33 -4.36
CA ALA A 66 0.03 -2.43 -3.57
C ALA A 66 -0.26 -2.66 -2.09
N PHE A 67 -1.54 -2.81 -1.78
CA PHE A 67 -1.95 -3.05 -0.40
C PHE A 67 -1.36 -4.37 0.13
N LEU A 68 -1.34 -5.41 -0.69
CA LEU A 68 -0.79 -6.68 -0.23
C LEU A 68 0.71 -6.52 0.09
N LEU A 69 1.45 -5.84 -0.77
CA LEU A 69 2.88 -5.67 -0.51
C LEU A 69 3.12 -4.78 0.73
N ALA A 70 2.26 -3.79 0.91
CA ALA A 70 2.35 -2.87 2.04
C ALA A 70 2.11 -3.63 3.34
N LYS A 71 1.06 -4.44 3.33
CA LYS A 71 0.70 -5.22 4.51
C LYS A 71 1.81 -6.21 4.83
N ALA A 72 2.51 -6.68 3.81
CA ALA A 72 3.60 -7.64 4.01
C ALA A 72 4.95 -6.94 4.19
N GLU A 73 4.94 -5.62 4.26
CA GLU A 73 6.19 -4.88 4.46
C GLU A 73 7.25 -5.29 3.45
N THR A 74 6.81 -5.62 2.24
CA THR A 74 7.72 -6.09 1.20
C THR A 74 7.69 -5.19 -0.04
N SER A 75 8.72 -5.29 -0.86
CA SER A 75 8.82 -4.49 -2.08
C SER A 75 8.59 -5.36 -3.31
N PRO A 76 8.11 -4.76 -4.41
CA PRO A 76 7.89 -5.56 -5.62
C PRO A 76 9.17 -6.20 -6.14
N GLU A 77 10.30 -5.62 -5.76
CA GLU A 77 11.63 -6.12 -6.15
C GLU A 77 11.85 -7.45 -5.44
N LYS A 78 11.63 -7.46 -4.13
CA LYS A 78 11.79 -8.67 -3.37
C LYS A 78 10.79 -9.73 -3.85
N ALA A 79 9.58 -9.32 -4.20
CA ALA A 79 8.58 -10.27 -4.68
C ALA A 79 9.01 -10.90 -6.01
N ASN A 80 9.60 -10.11 -6.90
CA ASN A 80 10.06 -10.61 -8.20
C ASN A 80 11.23 -11.58 -8.07
N GLN A 81 12.03 -11.39 -7.03
CA GLN A 81 13.19 -12.24 -6.77
C GLN A 81 12.66 -13.62 -6.37
N ILE A 82 11.56 -13.64 -5.62
CA ILE A 82 10.95 -14.88 -5.19
C ILE A 82 10.32 -15.57 -6.39
N LEU A 83 9.57 -14.81 -7.19
CA LEU A 83 8.93 -15.36 -8.37
C LEU A 83 9.95 -15.96 -9.34
N SER A 84 11.12 -15.34 -9.45
CA SER A 84 12.15 -15.83 -10.36
C SER A 84 12.63 -17.24 -10.00
N ARG A 85 12.36 -17.65 -8.76
CA ARG A 85 12.75 -18.97 -8.29
C ARG A 85 11.66 -20.02 -8.49
N VAL A 86 10.44 -19.58 -8.83
CA VAL A 86 9.31 -20.49 -9.05
C VAL A 86 9.39 -20.95 -10.50
N ASN A 87 10.14 -22.03 -10.74
CA ASN A 87 10.35 -22.52 -12.09
C ASN A 87 9.72 -23.86 -12.48
N GLU A 88 8.98 -24.47 -11.55
CA GLU A 88 8.35 -25.74 -11.85
C GLU A 88 6.82 -25.65 -11.82
N TYR A 89 6.18 -26.69 -12.33
CA TYR A 89 4.71 -26.74 -12.36
C TYR A 89 4.31 -28.14 -11.87
N PRO A 90 3.39 -28.23 -10.89
CA PRO A 90 2.73 -27.08 -10.27
C PRO A 90 3.77 -26.24 -9.56
N PRO A 91 3.55 -24.92 -9.49
CA PRO A 91 4.49 -24.03 -8.83
C PRO A 91 4.45 -24.15 -7.31
N ARG A 92 5.62 -24.04 -6.68
CA ARG A 92 5.72 -24.12 -5.23
C ARG A 92 6.09 -22.73 -4.68
N PHE A 93 5.11 -22.09 -4.04
CA PHE A 93 5.31 -20.76 -3.48
C PHE A 93 5.72 -20.74 -2.01
N ILE A 94 4.95 -21.40 -1.16
CA ILE A 94 5.21 -21.40 0.27
C ILE A 94 6.65 -21.64 0.70
N GLU A 95 7.29 -22.66 0.12
CA GLU A 95 8.66 -22.98 0.47
C GLU A 95 9.64 -21.84 0.12
N LYS A 96 9.21 -20.93 -0.74
CA LYS A 96 10.06 -19.80 -1.16
C LYS A 96 10.09 -18.68 -0.14
N LEU A 97 9.13 -18.70 0.79
CA LEU A 97 9.04 -17.68 1.81
C LEU A 97 9.96 -18.07 2.97
N GLY A 98 10.12 -17.16 3.93
CA GLY A 98 10.96 -17.44 5.07
C GLY A 98 10.18 -18.19 6.14
N ASN A 99 10.72 -18.25 7.35
CA ASN A 99 10.04 -18.96 8.43
C ASN A 99 8.65 -18.34 8.65
N ASP A 100 8.56 -17.04 8.39
CA ASP A 100 7.30 -16.32 8.53
C ASP A 100 6.49 -16.30 7.23
N LYS A 101 5.42 -17.08 7.18
CA LYS A 101 4.58 -17.14 5.99
C LYS A 101 3.50 -16.05 6.00
N ASP A 102 3.77 -14.95 5.31
CA ASP A 102 2.81 -13.85 5.26
C ASP A 102 1.72 -14.14 4.21
N GLU A 103 0.48 -14.30 4.67
CA GLU A 103 -0.61 -14.60 3.75
C GLU A 103 -0.82 -13.52 2.68
N HIS A 104 -0.45 -12.27 2.98
CA HIS A 104 -0.61 -11.17 2.00
C HIS A 104 0.41 -11.28 0.87
N LEU A 105 1.65 -11.61 1.22
CA LEU A 105 2.67 -11.76 0.21
C LEU A 105 2.35 -12.98 -0.65
N LEU A 106 1.88 -14.04 -0.01
CA LEU A 106 1.53 -15.28 -0.68
C LEU A 106 0.50 -15.05 -1.80
N LEU A 107 -0.59 -14.36 -1.45
CA LEU A 107 -1.64 -14.05 -2.40
C LEU A 107 -1.08 -13.20 -3.51
N TYR A 108 -0.24 -12.24 -3.13
CA TYR A 108 0.38 -11.36 -4.11
C TYR A 108 1.12 -12.21 -5.12
N LEU A 109 1.91 -13.16 -4.63
CA LEU A 109 2.68 -14.04 -5.49
C LEU A 109 1.76 -14.88 -6.39
N HIS A 110 0.67 -15.39 -5.81
CA HIS A 110 -0.28 -16.20 -6.55
C HIS A 110 -0.87 -15.41 -7.71
N ILE A 111 -1.24 -14.16 -7.46
CA ILE A 111 -1.83 -13.34 -8.48
C ILE A 111 -0.85 -12.90 -9.55
N VAL A 112 0.28 -12.34 -9.13
CA VAL A 112 1.28 -11.84 -10.09
C VAL A 112 1.89 -12.95 -10.93
N TYR A 113 2.22 -14.07 -10.32
CA TYR A 113 2.76 -15.17 -11.09
C TYR A 113 1.80 -15.52 -12.23
N TRP A 114 0.52 -15.65 -11.91
CA TRP A 114 -0.45 -15.98 -12.94
C TRP A 114 -0.55 -14.91 -14.03
N LEU A 115 -0.53 -13.64 -13.62
CA LEU A 115 -0.62 -12.55 -14.58
C LEU A 115 0.60 -12.48 -15.49
N ARG A 116 1.78 -12.72 -14.92
CA ARG A 116 2.99 -12.68 -15.71
C ARG A 116 3.07 -13.86 -16.67
N GLU A 117 2.37 -14.92 -16.31
CA GLU A 117 2.37 -16.13 -17.11
C GLU A 117 1.34 -16.08 -18.24
N ASN A 118 0.20 -15.44 -17.99
CA ASN A 118 -0.86 -15.38 -18.99
C ASN A 118 -1.23 -14.02 -19.55
N VAL A 119 -0.67 -12.94 -18.98
CA VAL A 119 -0.98 -11.62 -19.49
C VAL A 119 0.26 -10.88 -19.96
N ASP A 120 1.18 -10.64 -19.03
CA ASP A 120 2.40 -9.90 -19.35
C ASP A 120 3.47 -10.24 -18.33
N ARG A 121 4.58 -10.79 -18.80
CA ARG A 121 5.67 -11.18 -17.92
C ARG A 121 6.27 -10.05 -17.10
N ASN A 122 6.03 -8.80 -17.50
CA ASN A 122 6.58 -7.66 -16.78
C ASN A 122 5.64 -7.02 -15.77
N ILE A 123 4.43 -7.55 -15.64
CA ILE A 123 3.46 -6.98 -14.71
C ILE A 123 3.87 -7.04 -13.23
N ASP A 124 3.60 -5.93 -12.54
CA ASP A 124 3.86 -5.80 -11.11
C ASP A 124 3.36 -4.43 -10.69
N VAL A 125 3.29 -4.21 -9.37
CA VAL A 125 2.82 -2.94 -8.83
C VAL A 125 3.36 -1.70 -9.53
N LYS A 126 4.67 -1.67 -9.73
CA LYS A 126 5.28 -0.51 -10.39
C LYS A 126 4.98 -0.40 -11.89
N THR A 127 5.01 -1.52 -12.62
CA THR A 127 4.71 -1.40 -14.04
C THR A 127 3.26 -0.97 -14.24
N LEU A 128 2.35 -1.46 -13.40
CA LEU A 128 0.93 -1.10 -13.51
C LEU A 128 0.66 0.40 -13.39
N LEU A 129 1.66 1.17 -12.96
CA LEU A 129 1.48 2.61 -12.82
C LEU A 129 1.60 3.32 -14.17
N SER A 130 2.27 2.66 -15.12
CA SER A 130 2.51 3.23 -16.45
C SER A 130 1.78 2.58 -17.61
N GLN A 131 1.45 1.30 -17.48
CA GLN A 131 0.80 0.56 -18.56
C GLN A 131 -0.50 1.16 -19.07
N ASP A 132 -0.77 0.97 -20.36
CA ASP A 132 -1.98 1.50 -20.98
C ASP A 132 -3.23 0.95 -20.33
N TYR A 133 -4.36 1.62 -20.58
CA TYR A 133 -5.64 1.23 -20.01
C TYR A 133 -6.11 -0.17 -20.42
N SER A 134 -5.85 -0.57 -21.67
CA SER A 134 -6.29 -1.89 -22.12
C SER A 134 -5.54 -3.02 -21.40
N LYS A 135 -4.24 -2.84 -21.18
CA LYS A 135 -3.46 -3.85 -20.48
C LYS A 135 -3.90 -3.97 -19.01
N VAL A 136 -4.22 -2.84 -18.40
CA VAL A 136 -4.65 -2.84 -17.01
C VAL A 136 -6.01 -3.50 -16.88
N LEU A 137 -6.90 -3.19 -17.81
CA LEU A 137 -8.25 -3.77 -17.80
C LEU A 137 -8.13 -5.29 -17.91
N TRP A 138 -7.33 -5.70 -18.89
CA TRP A 138 -7.06 -7.10 -19.18
C TRP A 138 -6.52 -7.80 -17.94
N ALA A 139 -5.46 -7.22 -17.37
CA ALA A 139 -4.83 -7.77 -16.18
C ALA A 139 -5.83 -7.85 -15.03
N THR A 140 -6.71 -6.84 -14.94
CA THR A 140 -7.73 -6.76 -13.90
C THR A 140 -8.82 -7.82 -14.07
N LYS A 141 -9.21 -8.06 -15.32
CA LYS A 141 -10.24 -9.07 -15.57
C LYS A 141 -9.64 -10.46 -15.31
N GLU A 142 -8.40 -10.67 -15.73
CA GLU A 142 -7.79 -11.97 -15.50
C GLU A 142 -7.67 -12.21 -13.98
N ALA A 143 -7.18 -11.21 -13.25
CA ALA A 143 -7.05 -11.35 -11.81
C ALA A 143 -8.37 -11.78 -11.19
N ILE A 144 -9.47 -11.12 -11.56
CA ILE A 144 -10.79 -11.45 -11.03
C ILE A 144 -11.21 -12.88 -11.35
N ALA A 145 -10.99 -13.29 -12.59
CA ALA A 145 -11.34 -14.64 -13.00
C ALA A 145 -10.51 -15.64 -12.18
N LEU A 146 -9.23 -15.31 -11.96
CA LEU A 146 -8.34 -16.18 -11.21
C LEU A 146 -8.79 -16.31 -9.76
N LEU A 147 -9.01 -15.17 -9.11
CA LEU A 147 -9.42 -15.15 -7.72
C LEU A 147 -10.78 -15.80 -7.49
N ASN A 148 -11.68 -15.72 -8.46
CA ASN A 148 -12.99 -16.37 -8.27
C ASN A 148 -12.76 -17.87 -8.10
N TRP A 149 -11.88 -18.44 -8.93
CA TRP A 149 -11.58 -19.87 -8.81
C TRP A 149 -10.89 -20.17 -7.48
N MET A 150 -9.91 -19.34 -7.14
CA MET A 150 -9.16 -19.53 -5.90
C MET A 150 -10.11 -19.47 -4.70
N ARG A 151 -11.08 -18.57 -4.75
CA ARG A 151 -12.06 -18.43 -3.69
C ARG A 151 -12.90 -19.71 -3.60
N ARG A 152 -13.40 -20.17 -4.74
CA ARG A 152 -14.21 -21.38 -4.78
C ARG A 152 -13.47 -22.57 -4.22
N PHE A 153 -12.20 -22.72 -4.59
CA PHE A 153 -11.42 -23.84 -4.07
C PHE A 153 -11.12 -23.72 -2.57
N ALA A 154 -10.96 -22.49 -2.06
CA ALA A 154 -10.68 -22.30 -0.63
C ALA A 154 -11.89 -22.75 0.18
N VAL A 155 -13.08 -22.43 -0.32
CA VAL A 155 -14.33 -22.83 0.34
C VAL A 155 -14.43 -24.36 0.30
N ALA A 156 -13.91 -24.94 -0.76
CA ALA A 156 -13.96 -26.38 -0.96
C ALA A 156 -12.87 -27.17 -0.24
N MET A 157 -11.72 -26.54 -0.02
CA MET A 157 -10.59 -27.22 0.59
C MET A 157 -10.01 -26.66 1.89
N LEU A 158 -10.16 -25.36 2.11
CA LEU A 158 -9.61 -24.77 3.33
C LEU A 158 -10.66 -24.58 4.42
N LYS A 159 -10.21 -24.07 5.56
CA LYS A 159 -11.07 -23.82 6.71
C LYS A 159 -10.67 -22.47 7.30
N GLU A 160 -11.30 -22.09 8.41
CA GLU A 160 -10.95 -20.83 9.07
C GLU A 160 -11.09 -20.95 10.59
N ILE B 14 -15.59 0.10 12.90
CA ILE B 14 -14.94 1.36 12.43
C ILE B 14 -13.46 1.40 12.84
N ARG B 15 -13.13 0.75 13.96
CA ARG B 15 -11.76 0.73 14.44
C ARG B 15 -10.88 0.03 13.42
N LYS B 16 -11.43 -0.96 12.73
CA LYS B 16 -10.68 -1.70 11.71
C LYS B 16 -10.87 -1.00 10.37
N THR B 17 -11.93 -0.20 10.27
CA THR B 17 -12.19 0.52 9.04
C THR B 17 -11.31 1.76 9.04
N LEU B 18 -10.88 2.17 10.23
CA LEU B 18 -10.00 3.34 10.33
C LEU B 18 -8.68 2.88 9.73
N GLU B 19 -8.19 1.72 10.17
CA GLU B 19 -6.96 1.15 9.65
C GLU B 19 -7.06 1.08 8.14
N GLN B 20 -8.21 0.64 7.66
CA GLN B 20 -8.47 0.52 6.23
C GLN B 20 -8.36 1.88 5.58
N ARG B 21 -9.00 2.88 6.18
CA ARG B 21 -8.97 4.22 5.61
C ARG B 21 -7.60 4.89 5.73
N ARG B 22 -6.79 4.45 6.70
CA ARG B 22 -5.44 4.99 6.86
C ARG B 22 -4.61 4.46 5.71
N GLY B 23 -4.78 3.17 5.43
CA GLY B 23 -4.06 2.54 4.35
C GLY B 23 -4.45 3.09 2.99
N GLU B 24 -5.71 3.45 2.85
CA GLU B 24 -6.23 4.00 1.59
C GLU B 24 -5.64 5.38 1.37
N TYR B 25 -5.71 6.22 2.40
CA TYR B 25 -5.15 7.57 2.30
C TYR B 25 -3.66 7.43 2.02
N ALA B 26 -2.99 6.56 2.77
CA ALA B 26 -1.56 6.35 2.57
C ALA B 26 -1.30 6.02 1.10
N TYR B 27 -2.04 5.05 0.59
CA TYR B 27 -1.91 4.63 -0.80
C TYR B 27 -2.04 5.81 -1.79
N TYR B 28 -3.08 6.62 -1.63
CA TYR B 28 -3.29 7.77 -2.52
C TYR B 28 -2.18 8.82 -2.48
N VAL B 29 -1.75 9.24 -1.30
CA VAL B 29 -0.70 10.25 -1.28
C VAL B 29 0.59 9.70 -1.85
N ILE B 30 0.87 8.42 -1.63
CA ILE B 30 2.08 7.81 -2.16
C ILE B 30 2.00 7.70 -3.69
N LYS B 31 0.85 7.25 -4.19
CA LYS B 31 0.67 7.10 -5.63
C LYS B 31 0.88 8.44 -6.34
N GLU B 32 0.32 9.51 -5.77
CA GLU B 32 0.47 10.83 -6.38
C GLU B 32 1.96 11.16 -6.57
N VAL B 33 2.78 10.78 -5.61
CA VAL B 33 4.21 11.02 -5.73
C VAL B 33 4.78 10.17 -6.87
N ALA B 34 4.28 8.94 -6.98
CA ALA B 34 4.73 8.02 -8.02
C ALA B 34 4.31 8.47 -9.42
N ASP B 35 3.11 9.01 -9.53
CA ASP B 35 2.58 9.47 -10.81
C ASP B 35 3.28 10.69 -11.37
N LEU B 36 3.90 11.48 -10.48
CA LEU B 36 4.59 12.69 -10.92
C LEU B 36 5.74 12.30 -11.83
N ASN B 37 6.32 11.14 -11.55
CA ASN B 37 7.43 10.64 -12.33
C ASN B 37 8.63 11.57 -12.26
N ASP B 38 9.04 11.87 -11.01
CA ASP B 38 10.18 12.76 -10.76
C ASP B 38 11.10 12.05 -9.76
N LYS B 39 12.04 11.27 -10.27
CA LYS B 39 12.98 10.54 -9.43
C LYS B 39 13.56 11.39 -8.31
N GLN B 40 13.83 12.66 -8.60
CA GLN B 40 14.37 13.56 -7.59
C GLN B 40 13.43 13.62 -6.40
N LEU B 41 12.24 14.16 -6.61
CA LEU B 41 11.25 14.28 -5.56
C LEU B 41 10.88 12.91 -4.98
N GLU B 42 10.75 11.92 -5.85
CA GLU B 42 10.40 10.57 -5.41
C GLU B 42 11.43 9.96 -4.46
N GLU B 43 12.70 9.99 -4.85
CA GLU B 43 13.76 9.45 -3.99
C GLU B 43 13.89 10.22 -2.68
N LYS B 44 13.86 11.54 -2.74
CA LYS B 44 13.98 12.37 -1.55
C LYS B 44 12.81 12.06 -0.61
N TYR B 45 11.59 12.16 -1.14
CA TYR B 45 10.38 11.90 -0.37
C TYR B 45 10.39 10.50 0.24
N ALA B 46 10.76 9.51 -0.56
CA ALA B 46 10.79 8.13 -0.10
C ALA B 46 11.70 7.99 1.11
N SER B 47 12.87 8.58 1.03
CA SER B 47 13.83 8.50 2.12
C SER B 47 13.35 9.23 3.37
N LEU B 48 12.61 10.31 3.18
CA LEU B 48 12.09 11.08 4.30
C LEU B 48 10.98 10.32 5.04
N VAL B 49 9.95 9.87 4.32
CA VAL B 49 8.85 9.16 4.97
C VAL B 49 9.30 7.93 5.72
N LYS B 50 10.36 7.29 5.22
CA LYS B 50 10.88 6.10 5.87
C LYS B 50 11.50 6.41 7.23
N LYS B 51 11.86 7.67 7.43
CA LYS B 51 12.48 8.14 8.68
C LYS B 51 11.47 8.86 9.57
N ALA B 52 10.40 9.37 8.99
CA ALA B 52 9.41 10.14 9.75
C ALA B 52 8.92 9.49 11.04
N PRO B 53 8.46 8.22 11.00
CA PRO B 53 7.99 7.59 12.23
C PRO B 53 9.02 7.54 13.38
N VAL B 54 10.29 7.31 13.06
CA VAL B 54 11.33 7.28 14.09
C VAL B 54 11.58 8.70 14.60
N MET B 55 11.35 9.68 13.73
CA MET B 55 11.53 11.08 14.11
C MET B 55 10.53 11.41 15.21
N ILE B 56 9.27 11.03 14.99
CA ILE B 56 8.22 11.33 15.96
C ILE B 56 8.38 10.54 17.27
N LEU B 57 8.82 9.29 17.17
CA LEU B 57 9.03 8.48 18.37
C LEU B 57 10.17 9.08 19.20
N SER B 58 11.15 9.67 18.53
CA SER B 58 12.31 10.27 19.20
C SER B 58 12.11 11.70 19.70
N ASN B 59 11.51 12.55 18.87
CA ASN B 59 11.36 13.95 19.23
C ASN B 59 9.94 14.46 19.40
N GLY B 60 8.96 13.64 19.07
CA GLY B 60 7.58 14.05 19.22
C GLY B 60 7.05 14.69 17.95
N LEU B 61 5.74 14.93 17.92
CA LEU B 61 5.09 15.51 16.76
C LEU B 61 5.47 16.97 16.47
N LEU B 62 5.42 17.82 17.49
CA LEU B 62 5.76 19.25 17.37
C LEU B 62 7.10 19.52 16.72
N GLN B 63 8.17 18.98 17.30
CA GLN B 63 9.49 19.22 16.76
C GLN B 63 9.60 18.70 15.32
N THR B 64 9.02 17.53 15.05
CA THR B 64 9.08 16.95 13.71
C THR B 64 8.35 17.81 12.66
N LEU B 65 7.15 18.26 12.97
CA LEU B 65 6.41 19.10 12.03
C LEU B 65 7.13 20.44 11.87
N ALA B 66 7.58 21.02 12.98
CA ALA B 66 8.30 22.29 12.90
C ALA B 66 9.53 22.06 12.04
N PHE B 67 10.17 20.91 12.26
CA PHE B 67 11.37 20.57 11.48
C PHE B 67 11.05 20.57 9.99
N LEU B 68 9.93 19.96 9.62
CA LEU B 68 9.57 19.90 8.20
C LEU B 68 9.35 21.28 7.59
N LEU B 69 8.72 22.18 8.32
CA LEU B 69 8.47 23.53 7.79
C LEU B 69 9.79 24.29 7.69
N ALA B 70 10.66 24.12 8.69
CA ALA B 70 11.95 24.80 8.67
C ALA B 70 12.75 24.35 7.45
N LYS B 71 12.78 23.05 7.21
CA LYS B 71 13.51 22.48 6.08
C LYS B 71 12.94 23.00 4.75
N ALA B 72 11.64 23.22 4.72
CA ALA B 72 10.97 23.71 3.53
C ALA B 72 10.91 25.24 3.52
N GLU B 73 11.43 25.86 4.57
CA GLU B 73 11.45 27.32 4.69
C GLU B 73 10.05 27.85 4.43
N THR B 74 9.07 27.25 5.09
CA THR B 74 7.68 27.60 4.92
C THR B 74 6.98 27.81 6.25
N SER B 75 6.15 28.84 6.32
CA SER B 75 5.43 29.15 7.54
C SER B 75 4.16 28.32 7.68
N PRO B 76 3.64 28.21 8.91
CA PRO B 76 2.42 27.44 9.15
C PRO B 76 1.27 28.06 8.37
N GLU B 77 1.30 29.39 8.23
CA GLU B 77 0.25 30.11 7.52
C GLU B 77 0.19 29.75 6.04
N LYS B 78 1.36 29.66 5.42
CA LYS B 78 1.46 29.33 4.01
C LYS B 78 0.97 27.90 3.79
N ALA B 79 1.34 27.01 4.70
CA ALA B 79 0.94 25.62 4.61
C ALA B 79 -0.59 25.56 4.74
N ASN B 80 -1.14 26.37 5.64
CA ASN B 80 -2.58 26.39 5.81
C ASN B 80 -3.26 26.89 4.54
N GLN B 81 -2.62 27.85 3.87
CA GLN B 81 -3.17 28.40 2.64
C GLN B 81 -3.33 27.28 1.59
N ILE B 82 -2.27 26.50 1.40
CA ILE B 82 -2.29 25.39 0.45
C ILE B 82 -3.39 24.40 0.83
N LEU B 83 -3.45 24.07 2.12
CA LEU B 83 -4.45 23.13 2.62
C LEU B 83 -5.87 23.62 2.35
N SER B 84 -6.13 24.91 2.57
CA SER B 84 -7.46 25.47 2.36
C SER B 84 -7.93 25.30 0.92
N ARG B 85 -7.00 25.06 0.01
CA ARG B 85 -7.33 24.89 -1.40
C ARG B 85 -7.78 23.47 -1.71
N VAL B 86 -7.50 22.55 -0.80
CA VAL B 86 -7.89 21.16 -0.99
C VAL B 86 -9.42 21.06 -1.00
N ASN B 87 -9.97 20.67 -2.14
CA ASN B 87 -11.41 20.54 -2.27
C ASN B 87 -11.83 19.24 -2.97
N GLU B 88 -11.03 18.18 -2.81
CA GLU B 88 -11.37 16.90 -3.42
C GLU B 88 -10.80 15.70 -2.70
N TYR B 89 -11.38 14.54 -2.97
CA TYR B 89 -10.93 13.29 -2.37
C TYR B 89 -10.81 12.23 -3.46
N PRO B 90 -9.62 11.64 -3.61
CA PRO B 90 -8.40 11.92 -2.84
C PRO B 90 -7.91 13.35 -3.07
N PRO B 91 -7.26 13.95 -2.07
CA PRO B 91 -6.74 15.32 -2.17
C PRO B 91 -5.54 15.44 -3.11
N ARG B 92 -5.52 16.50 -3.91
CA ARG B 92 -4.42 16.72 -4.84
C ARG B 92 -3.40 17.64 -4.17
N PHE B 93 -2.31 17.06 -3.67
CA PHE B 93 -1.27 17.83 -2.99
C PHE B 93 -0.20 18.44 -3.88
N ILE B 94 0.46 17.61 -4.68
CA ILE B 94 1.54 18.08 -5.54
C ILE B 94 1.25 19.26 -6.45
N GLU B 95 0.08 19.28 -7.07
CA GLU B 95 -0.27 20.38 -7.96
C GLU B 95 -0.36 21.72 -7.23
N LYS B 96 -0.47 21.65 -5.90
CA LYS B 96 -0.57 22.86 -5.08
C LYS B 96 0.80 23.42 -4.68
N LEU B 97 1.80 22.55 -4.60
CA LEU B 97 3.13 22.97 -4.19
C LEU B 97 3.83 24.02 -5.06
N GLY B 98 3.42 24.16 -6.30
CA GLY B 98 4.06 25.14 -7.15
C GLY B 98 5.16 24.47 -7.95
N ASN B 99 5.99 25.27 -8.62
CA ASN B 99 7.05 24.69 -9.45
C ASN B 99 8.23 24.11 -8.67
N ASP B 100 8.21 24.28 -7.35
CA ASP B 100 9.29 23.77 -6.52
C ASP B 100 8.71 22.76 -5.52
N LYS B 101 8.75 21.48 -5.87
CA LYS B 101 8.21 20.42 -5.01
C LYS B 101 9.15 20.05 -3.87
N ASP B 102 9.00 20.72 -2.74
CA ASP B 102 9.83 20.43 -1.58
C ASP B 102 9.26 19.21 -0.88
N GLU B 103 10.06 18.16 -0.73
CA GLU B 103 9.56 16.93 -0.10
C GLU B 103 9.14 17.06 1.35
N HIS B 104 9.75 18.00 2.08
CA HIS B 104 9.40 18.19 3.48
C HIS B 104 8.04 18.88 3.61
N LEU B 105 7.79 19.87 2.78
CA LEU B 105 6.51 20.54 2.83
C LEU B 105 5.40 19.53 2.44
N LEU B 106 5.69 18.69 1.45
CA LEU B 106 4.73 17.67 0.98
C LEU B 106 4.35 16.71 2.10
N LEU B 107 5.36 16.22 2.83
CA LEU B 107 5.12 15.30 3.93
C LEU B 107 4.35 15.99 5.06
N TYR B 108 4.63 17.27 5.26
CA TYR B 108 3.95 18.06 6.30
C TYR B 108 2.46 18.15 6.00
N LEU B 109 2.13 18.38 4.72
CA LEU B 109 0.74 18.47 4.30
C LEU B 109 0.04 17.13 4.42
N HIS B 110 0.76 16.05 4.12
CA HIS B 110 0.16 14.72 4.23
C HIS B 110 -0.21 14.43 5.69
N ILE B 111 0.70 14.68 6.61
CA ILE B 111 0.45 14.42 8.04
C ILE B 111 -0.64 15.32 8.63
N VAL B 112 -0.51 16.62 8.44
CA VAL B 112 -1.46 17.58 8.97
C VAL B 112 -2.87 17.39 8.40
N TYR B 113 -2.98 17.20 7.10
CA TYR B 113 -4.30 17.02 6.51
C TYR B 113 -5.00 15.82 7.17
N TRP B 114 -4.28 14.73 7.31
CA TRP B 114 -4.86 13.55 7.94
C TRP B 114 -5.25 13.83 9.39
N LEU B 115 -4.34 14.43 10.15
CA LEU B 115 -4.62 14.71 11.55
C LEU B 115 -5.83 15.64 11.73
N ARG B 116 -6.03 16.55 10.78
CA ARG B 116 -7.17 17.46 10.85
C ARG B 116 -8.50 16.77 10.54
N GLU B 117 -8.44 15.71 9.74
CA GLU B 117 -9.62 14.95 9.35
C GLU B 117 -9.99 13.86 10.34
N ASN B 118 -9.03 13.43 11.16
CA ASN B 118 -9.34 12.36 12.09
C ASN B 118 -9.06 12.68 13.56
N VAL B 119 -8.30 13.74 13.84
CA VAL B 119 -8.00 14.08 15.22
C VAL B 119 -8.48 15.44 15.68
N ASP B 120 -8.04 16.49 15.00
CA ASP B 120 -8.44 17.84 15.36
C ASP B 120 -8.27 18.77 14.15
N ARG B 121 -9.39 19.36 13.74
CA ARG B 121 -9.41 20.26 12.59
C ARG B 121 -8.51 21.47 12.84
N ASN B 122 -8.12 21.67 14.09
CA ASN B 122 -7.27 22.80 14.45
C ASN B 122 -5.77 22.49 14.44
N ILE B 123 -5.42 21.23 14.25
CA ILE B 123 -4.01 20.82 14.22
C ILE B 123 -3.15 21.78 13.43
N ASP B 124 -2.11 22.29 14.09
CA ASP B 124 -1.18 23.23 13.48
C ASP B 124 0.02 23.39 14.42
N VAL B 125 1.16 23.78 13.88
CA VAL B 125 2.35 23.99 14.69
C VAL B 125 2.04 25.02 15.77
N LYS B 126 1.25 26.02 15.41
CA LYS B 126 0.88 27.07 16.37
C LYS B 126 0.01 26.51 17.50
N THR B 127 -0.94 25.64 17.15
CA THR B 127 -1.82 25.06 18.16
C THR B 127 -1.06 24.08 19.04
N LEU B 128 -0.10 23.36 18.46
CA LEU B 128 0.71 22.41 19.21
C LEU B 128 1.68 23.11 20.15
N LEU B 129 1.93 24.39 19.93
CA LEU B 129 2.84 25.16 20.79
C LEU B 129 2.12 25.70 22.02
N SER B 130 0.79 25.58 22.02
CA SER B 130 -0.04 26.05 23.12
C SER B 130 -0.03 25.06 24.28
N GLN B 131 0.37 25.52 25.46
CA GLN B 131 0.45 24.67 26.66
C GLN B 131 -0.90 24.07 27.04
N ASP B 132 -1.98 24.65 26.52
CA ASP B 132 -3.32 24.16 26.83
C ASP B 132 -3.73 22.95 25.99
N TYR B 133 -3.19 22.84 24.77
CA TYR B 133 -3.52 21.73 23.88
C TYR B 133 -3.32 20.41 24.61
N SER B 134 -4.31 19.52 24.53
CA SER B 134 -4.21 18.24 25.20
C SER B 134 -4.47 17.02 24.31
N LYS B 135 -4.48 17.25 22.99
CA LYS B 135 -4.68 16.17 22.02
C LYS B 135 -3.35 15.75 21.40
N VAL B 136 -2.25 16.21 21.99
CA VAL B 136 -0.94 15.87 21.45
C VAL B 136 -0.70 14.36 21.42
N LEU B 137 -0.95 13.69 22.54
CA LEU B 137 -0.74 12.26 22.62
C LEU B 137 -1.54 11.52 21.55
N TRP B 138 -2.82 11.88 21.42
CA TRP B 138 -3.68 11.27 20.42
C TRP B 138 -3.12 11.58 19.02
N ALA B 139 -2.88 12.85 18.74
CA ALA B 139 -2.34 13.25 17.44
C ALA B 139 -1.03 12.53 17.16
N THR B 140 -0.23 12.32 18.20
CA THR B 140 1.06 11.65 18.03
C THR B 140 0.89 10.17 17.67
N LYS B 141 -0.12 9.53 18.24
CA LYS B 141 -0.36 8.12 17.95
C LYS B 141 -0.91 7.95 16.53
N GLU B 142 -1.81 8.85 16.13
CA GLU B 142 -2.40 8.79 14.80
C GLU B 142 -1.34 9.02 13.73
N ALA B 143 -0.52 10.06 13.92
CA ALA B 143 0.54 10.40 13.00
C ALA B 143 1.48 9.21 12.78
N ILE B 144 1.81 8.53 13.87
CA ILE B 144 2.68 7.36 13.82
C ILE B 144 2.02 6.21 13.04
N ALA B 145 0.72 6.02 13.28
CA ALA B 145 -0.01 4.97 12.59
C ALA B 145 -0.07 5.30 11.09
N LEU B 146 -0.29 6.56 10.76
CA LEU B 146 -0.36 7.03 9.38
C LEU B 146 0.99 6.79 8.70
N LEU B 147 2.05 7.28 9.32
CA LEU B 147 3.40 7.16 8.76
C LEU B 147 3.86 5.72 8.59
N ASN B 148 3.39 4.81 9.45
CA ASN B 148 3.77 3.41 9.29
C ASN B 148 3.16 2.89 7.99
N TRP B 149 1.93 3.31 7.68
CA TRP B 149 1.29 2.90 6.44
C TRP B 149 1.92 3.57 5.23
N MET B 150 2.28 4.84 5.33
CA MET B 150 2.88 5.55 4.21
C MET B 150 4.26 4.96 3.93
N ARG B 151 4.94 4.55 5.00
CA ARG B 151 6.26 3.94 4.90
C ARG B 151 6.12 2.68 4.06
N ARG B 152 5.19 1.81 4.46
CA ARG B 152 4.95 0.56 3.76
C ARG B 152 4.60 0.78 2.29
N PHE B 153 3.71 1.73 2.01
CA PHE B 153 3.34 1.98 0.62
C PHE B 153 4.49 2.55 -0.21
N ALA B 154 5.33 3.39 0.42
CA ALA B 154 6.47 3.96 -0.28
C ALA B 154 7.40 2.82 -0.69
N VAL B 155 7.52 1.81 0.18
CA VAL B 155 8.35 0.64 -0.08
C VAL B 155 7.75 -0.21 -1.19
N ALA B 156 6.43 -0.24 -1.28
CA ALA B 156 5.79 -1.04 -2.30
C ALA B 156 5.65 -0.35 -3.65
N MET B 157 5.61 0.99 -3.65
CA MET B 157 5.39 1.74 -4.89
C MET B 157 6.45 2.73 -5.35
N LEU B 158 7.26 3.25 -4.43
CA LEU B 158 8.28 4.22 -4.78
C LEU B 158 9.66 3.62 -4.95
N LYS B 159 10.51 4.36 -5.65
CA LYS B 159 11.89 3.96 -5.92
C LYS B 159 12.77 4.39 -4.75
N GLU B 160 13.67 3.53 -4.31
CA GLU B 160 14.57 3.89 -3.21
C GLU B 160 16.00 3.99 -3.70
#